data_5G0Q
#
_entry.id   5G0Q
#
_cell.length_a   148.512
_cell.length_b   44.896
_cell.length_c   82.216
_cell.angle_alpha   90.00
_cell.angle_beta   114.78
_cell.angle_gamma   90.00
#
_symmetry.space_group_name_H-M   'C 1 2 1'
#
loop_
_entity.id
_entity.type
_entity.pdbx_description
1 polymer BETA-GLUCURONIDASE
2 non-polymer '(1~{S},2~{R},3~{S},4~{S},5~{S},6~{R})-2-(8-azidooctylamino)-3,4,5,6-tetrakis(oxidanyl)cyclohexane-1-carboxylic acid'
3 non-polymer GLYCEROL
4 water water
#
_entity_poly.entity_id   1
_entity_poly.type   'polypeptide(L)'
_entity_poly.pdbx_seq_one_letter_code
;MAFARGGLAQTASQTTSSPVRVGLSVDASALGHTIPPDYTGLSYEQAQMANPNYFSGANTQLAGFLRTLGRQGVLRIGGN
TSEYTFWNRHAKPTAADEHLAAGPDKGHHAAAREVITPEAVNNLSEFLDKTGWKLIYGLNLGKGTPENAADEAAYVMETI
GADRLLAFQLGNEPDLFYRNGIRPASYDFAAYAGDWQRFFTAIRKRVPNAPFAGPDTAYNTKWLVPFADKFKHDVKFISS
HYYAEGPPTDPSMTIERLMKPNPRLLGETAGLKQVEADTGLPFRLTETNSCYQGGKQGVSDTFAAALWAGDLMYQQAAAG
STGINFHGGGYGWYTPVAGTPEDGFIARPEYYGMLLFAQAGAGQLLGAKLTDNSAAPLLTAYALRGTDGRTRIALFNKNL
DADVEVAISGVASPSGTVLRLEAPRADDTTDVTFGGAPVGASGSWSPLVQEYVPGHSGQFVLHMRKASGALLEFA
;
_entity_poly.pdbx_strand_id   A
#
loop_
_chem_comp.id
_chem_comp.type
_chem_comp.name
_chem_comp.formula
6S6 non-polymer '(1~{S},2~{R},3~{S},4~{S},5~{S},6~{R})-2-(8-azidooctylamino)-3,4,5,6-tetrakis(oxidanyl)cyclohexane-1-carboxylic acid' 'C15 H28 N4 O6'
GOL non-polymer GLYCEROL 'C3 H8 O3'
#
# COMPACT_ATOMS: atom_id res chain seq x y z
N SER A 18 33.65 10.15 -9.30
CA SER A 18 34.09 8.88 -8.60
C SER A 18 32.99 8.54 -7.59
N PRO A 19 32.75 7.25 -7.36
CA PRO A 19 31.57 7.00 -6.51
C PRO A 19 31.85 7.29 -5.05
N VAL A 20 30.80 7.53 -4.27
CA VAL A 20 30.97 7.68 -2.82
C VAL A 20 31.13 6.29 -2.22
N ARG A 21 32.18 6.08 -1.43
CA ARG A 21 32.52 4.73 -0.93
C ARG A 21 31.90 4.61 0.46
N VAL A 22 31.00 3.67 0.63
CA VAL A 22 30.26 3.52 1.90
C VAL A 22 30.38 2.05 2.34
N GLY A 23 30.19 1.82 3.62
CA GLY A 23 30.22 0.49 4.19
C GLY A 23 28.83 0.09 4.65
N LEU A 24 28.53 -1.18 4.46
CA LEU A 24 27.30 -1.78 4.92
C LEU A 24 27.64 -3.03 5.71
N SER A 25 27.30 -2.98 7.00
CA SER A 25 27.53 -4.10 7.91
C SER A 25 26.23 -4.80 8.17
N VAL A 26 26.11 -6.03 7.69
CA VAL A 26 24.96 -6.89 8.00
C VAL A 26 25.21 -7.69 9.29
N ASP A 27 24.21 -7.72 10.17
CA ASP A 27 24.34 -8.41 11.46
C ASP A 27 23.17 -9.38 11.56
N ALA A 28 23.43 -10.65 11.24
CA ALA A 28 22.36 -11.67 11.24
C ALA A 28 21.87 -11.98 12.66
N SER A 29 22.54 -11.46 13.73
CA SER A 29 22.01 -11.49 15.10
C SER A 29 21.15 -10.32 15.57
N ALA A 30 21.09 -9.28 14.78
CA ALA A 30 20.28 -8.14 15.12
C ALA A 30 18.87 -8.31 14.46
N LEU A 31 18.03 -9.13 15.09
CA LEU A 31 16.75 -9.49 14.52
C LEU A 31 15.74 -8.41 14.60
N GLY A 32 15.13 -8.15 13.47
CA GLY A 32 14.02 -7.26 13.47
C GLY A 32 12.75 -8.06 13.31
N HIS A 33 11.79 -7.41 12.73
CA HIS A 33 10.47 -8.02 12.55
C HIS A 33 10.44 -9.01 11.41
N THR A 34 9.50 -9.94 11.51
CA THR A 34 9.26 -10.90 10.44
C THR A 34 8.18 -10.31 9.53
N ILE A 35 8.50 -10.17 8.26
CA ILE A 35 7.60 -9.69 7.25
C ILE A 35 6.51 -10.78 7.03
N PRO A 36 5.22 -10.45 7.19
CA PRO A 36 4.23 -11.46 6.89
C PRO A 36 4.02 -11.67 5.42
N PRO A 37 3.49 -12.85 5.05
CA PRO A 37 3.28 -13.16 3.65
C PRO A 37 2.25 -12.30 2.94
N ASP A 38 1.34 -11.67 3.70
CA ASP A 38 0.29 -10.76 3.13
C ASP A 38 0.56 -9.31 3.36
N TYR A 39 1.85 -9.01 3.44
CA TYR A 39 2.28 -7.62 3.65
C TYR A 39 1.89 -6.70 2.52
N THR A 40 2.11 -7.16 1.31
CA THR A 40 1.81 -6.29 0.15
C THR A 40 0.28 -6.03 -0.03
N GLY A 41 0.02 -4.95 -0.73
CA GLY A 41 -1.36 -4.62 -0.97
C GLY A 41 -1.60 -3.40 -1.77
N LEU A 42 -2.83 -3.30 -2.21
CA LEU A 42 -3.34 -2.18 -3.03
C LEU A 42 -4.63 -1.64 -2.41
N SER A 43 -4.89 -0.35 -2.66
CA SER A 43 -6.13 0.26 -2.29
C SER A 43 -6.77 0.90 -3.55
N TYR A 44 -8.09 0.67 -3.66
CA TYR A 44 -8.95 1.22 -4.74
C TYR A 44 -10.17 1.92 -4.18
N GLU A 45 -10.75 2.76 -5.03
CA GLU A 45 -12.02 3.41 -4.74
C GLU A 45 -13.17 2.43 -4.79
N GLN A 46 -14.06 2.56 -3.82
CA GLN A 46 -15.25 1.74 -3.74
C GLN A 46 -16.13 2.03 -4.97
N ALA A 47 -16.11 3.25 -5.52
CA ALA A 47 -16.84 3.51 -6.77
C ALA A 47 -16.52 2.48 -7.86
N GLN A 48 -15.33 1.90 -7.85
CA GLN A 48 -14.98 0.97 -8.89
C GLN A 48 -15.86 -0.28 -8.88
N MET A 49 -16.43 -0.60 -7.71
CA MET A 49 -17.35 -1.73 -7.58
C MET A 49 -18.63 -1.54 -8.32
N ALA A 50 -18.93 -0.33 -8.74
CA ALA A 50 -20.13 -0.17 -9.58
C ALA A 50 -19.97 -0.86 -10.92
N ASN A 51 -18.74 -1.11 -11.36
CA ASN A 51 -18.50 -1.84 -12.60
C ASN A 51 -18.22 -3.32 -12.28
N PRO A 52 -19.17 -4.21 -12.55
CA PRO A 52 -18.91 -5.64 -12.19
C PRO A 52 -17.85 -6.37 -13.02
N ASN A 53 -17.33 -5.74 -14.06
CA ASN A 53 -16.24 -6.31 -14.90
C ASN A 53 -14.85 -6.04 -14.37
N TYR A 54 -14.73 -5.18 -13.37
CA TYR A 54 -13.43 -4.71 -12.99
C TYR A 54 -12.83 -5.69 -12.01
N PHE A 55 -13.46 -5.82 -10.84
CA PHE A 55 -13.00 -6.88 -9.92
C PHE A 55 -13.83 -8.12 -10.23
N SER A 56 -13.33 -8.89 -11.17
CA SER A 56 -14.07 -10.00 -11.69
C SER A 56 -13.17 -11.16 -12.06
N GLY A 57 -13.68 -12.36 -12.01
CA GLY A 57 -12.93 -13.53 -12.43
C GLY A 57 -12.50 -13.51 -13.89
N ALA A 58 -13.21 -12.70 -14.68
CA ALA A 58 -12.87 -12.53 -16.11
C ALA A 58 -11.75 -11.55 -16.29
N ASN A 59 -11.39 -10.80 -15.23
CA ASN A 59 -10.30 -9.82 -15.38
C ASN A 59 -8.96 -10.47 -15.09
N THR A 60 -8.55 -11.30 -16.04
CA THR A 60 -7.33 -12.05 -15.90
C THR A 60 -6.08 -11.17 -15.93
N GLN A 61 -6.16 -10.04 -16.61
CA GLN A 61 -5.03 -9.13 -16.68
C GLN A 61 -4.72 -8.58 -15.30
N LEU A 62 -5.69 -7.97 -14.67
CA LEU A 62 -5.47 -7.33 -13.37
C LEU A 62 -5.10 -8.40 -12.33
N ALA A 63 -5.75 -9.56 -12.36
CA ALA A 63 -5.43 -10.61 -11.44
C ALA A 63 -3.94 -10.96 -11.56
N GLY A 64 -3.45 -11.01 -12.77
CA GLY A 64 -2.08 -11.31 -13.05
C GLY A 64 -1.13 -10.29 -12.43
N PHE A 65 -1.44 -9.02 -12.54
CA PHE A 65 -0.58 -7.98 -11.87
C PHE A 65 -0.56 -8.19 -10.37
N LEU A 66 -1.68 -8.57 -9.77
CA LEU A 66 -1.71 -8.73 -8.28
C LEU A 66 -0.87 -9.96 -7.88
N ARG A 67 -1.01 -11.05 -8.60
CA ARG A 67 -0.23 -12.26 -8.30
C ARG A 67 1.28 -12.00 -8.34
N THR A 68 1.70 -11.18 -9.30
CA THR A 68 3.12 -10.80 -9.44
C THR A 68 3.57 -10.00 -8.22
N LEU A 69 2.71 -9.10 -7.71
CA LEU A 69 3.03 -8.35 -6.51
C LEU A 69 3.12 -9.24 -5.25
N GLY A 70 2.36 -10.33 -5.20
CA GLY A 70 2.44 -11.27 -4.05
C GLY A 70 1.54 -12.43 -4.23
N ARG A 71 1.99 -13.61 -3.85
CA ARG A 71 1.11 -14.75 -3.75
C ARG A 71 0.06 -14.61 -2.66
N GLN A 72 0.34 -13.77 -1.69
CA GLN A 72 -0.60 -13.30 -0.66
C GLN A 72 -0.45 -11.79 -0.58
N GLY A 73 -1.51 -11.14 -0.15
CA GLY A 73 -1.60 -9.70 -0.15
C GLY A 73 -3.04 -9.31 0.24
N VAL A 74 -3.29 -8.01 0.27
CA VAL A 74 -4.60 -7.52 0.62
C VAL A 74 -5.05 -6.48 -0.36
N LEU A 75 -6.30 -6.67 -0.83
CA LEU A 75 -7.04 -5.68 -1.62
C LEU A 75 -7.95 -4.88 -0.69
N ARG A 76 -7.70 -3.59 -0.57
CA ARG A 76 -8.55 -2.70 0.18
C ARG A 76 -9.40 -1.89 -0.78
N ILE A 77 -10.72 -1.94 -0.57
CA ILE A 77 -11.64 -1.16 -1.34
C ILE A 77 -12.27 -0.15 -0.40
N GLY A 78 -12.13 1.14 -0.68
CA GLY A 78 -12.76 2.16 0.17
C GLY A 78 -12.56 3.54 -0.40
N GLY A 79 -11.85 4.37 0.31
CA GLY A 79 -11.55 5.69 -0.18
C GLY A 79 -12.68 6.70 -0.09
N ASN A 80 -12.46 7.91 -0.60
CA ASN A 80 -13.46 8.99 -0.50
C ASN A 80 -14.78 8.53 -1.11
N THR A 81 -14.70 7.73 -2.17
CA THR A 81 -15.92 7.34 -2.81
C THR A 81 -16.77 6.38 -2.00
N SER A 82 -16.26 5.81 -0.94
CA SER A 82 -17.06 4.99 -0.05
C SER A 82 -18.17 5.73 0.63
N GLU A 83 -18.09 7.06 0.68
CA GLU A 83 -19.14 7.80 1.28
C GLU A 83 -20.27 8.15 0.28
N TYR A 84 -19.98 7.94 -1.01
CA TYR A 84 -20.86 8.30 -2.12
C TYR A 84 -21.38 7.06 -2.88
N THR A 85 -21.09 5.87 -2.38
CA THR A 85 -21.40 4.61 -3.00
C THR A 85 -22.39 3.88 -2.13
N PHE A 86 -23.46 3.39 -2.74
CA PHE A 86 -24.60 2.83 -2.02
C PHE A 86 -25.00 1.41 -2.43
N TRP A 87 -24.85 0.50 -1.48
CA TRP A 87 -25.34 -0.88 -1.66
C TRP A 87 -26.84 -0.90 -1.89
N ASN A 88 -27.29 -1.60 -2.93
CA ASN A 88 -28.72 -1.82 -3.13
C ASN A 88 -28.91 -3.29 -3.50
N ARG A 89 -29.45 -4.07 -2.61
CA ARG A 89 -29.68 -5.49 -2.83
C ARG A 89 -30.67 -5.74 -4.00
N HIS A 90 -31.50 -4.72 -4.27
CA HIS A 90 -32.52 -4.68 -5.33
C HIS A 90 -32.01 -4.39 -6.74
N ALA A 91 -30.74 -3.98 -6.89
CA ALA A 91 -30.28 -3.40 -8.11
C ALA A 91 -29.44 -4.37 -8.99
N LYS A 92 -29.49 -4.11 -10.29
CA LYS A 92 -28.64 -4.74 -11.29
C LYS A 92 -27.74 -3.64 -11.91
N PRO A 93 -26.51 -4.03 -12.34
CA PRO A 93 -25.70 -2.98 -12.97
C PRO A 93 -26.29 -2.36 -14.20
N THR A 94 -26.07 -1.05 -14.35
CA THR A 94 -26.53 -0.33 -15.54
C THR A 94 -25.46 -0.39 -16.65
N ALA A 95 -25.88 0.00 -17.84
CA ALA A 95 -25.00 0.05 -19.01
C ALA A 95 -23.74 0.92 -18.75
N ALA A 96 -23.93 2.11 -18.20
CA ALA A 96 -22.79 3.00 -17.91
C ALA A 96 -21.92 2.44 -16.78
N ASP A 97 -22.52 1.74 -15.80
CA ASP A 97 -21.74 1.02 -14.76
C ASP A 97 -20.72 0.06 -15.39
N GLU A 98 -21.12 -0.67 -16.44
CA GLU A 98 -20.24 -1.70 -17.04
C GLU A 98 -18.95 -1.21 -17.78
N HIS A 99 -18.81 0.11 -17.90
CA HIS A 99 -17.63 0.76 -18.47
C HIS A 99 -16.98 1.78 -17.50
N LEU A 100 -17.47 1.89 -16.26
CA LEU A 100 -16.96 2.87 -15.30
C LEU A 100 -15.49 2.55 -14.93
N ALA A 101 -14.67 3.59 -14.97
CA ALA A 101 -13.27 3.54 -14.57
C ALA A 101 -13.13 4.57 -13.44
N ALA A 102 -12.91 4.13 -12.20
CA ALA A 102 -12.87 5.07 -11.09
C ALA A 102 -11.45 5.22 -10.64
N GLY A 103 -10.81 6.30 -11.04
CA GLY A 103 -9.49 6.63 -10.51
C GLY A 103 -9.54 7.19 -9.11
N PRO A 104 -8.37 7.45 -8.50
CA PRO A 104 -8.35 8.02 -7.16
C PRO A 104 -9.10 9.34 -7.14
N ASP A 105 -9.94 9.50 -6.12
CA ASP A 105 -10.75 10.65 -5.98
C ASP A 105 -9.86 11.87 -5.64
N LYS A 106 -10.13 13.03 -6.25
CA LYS A 106 -9.23 14.18 -6.03
C LYS A 106 -9.54 14.96 -4.76
N GLY A 107 -10.74 14.71 -4.20
CA GLY A 107 -11.19 15.34 -2.93
C GLY A 107 -11.63 16.79 -2.99
N HIS A 108 -11.72 17.36 -4.20
CA HIS A 108 -12.04 18.79 -4.37
C HIS A 108 -13.52 18.97 -4.20
N HIS A 109 -14.29 17.99 -4.68
CA HIS A 109 -15.76 18.06 -4.64
C HIS A 109 -16.38 16.71 -4.41
N ALA A 110 -17.68 16.75 -4.15
CA ALA A 110 -18.47 15.53 -3.93
C ALA A 110 -18.24 14.62 -5.17
N ALA A 111 -17.98 13.32 -4.92
CA ALA A 111 -17.98 12.28 -5.97
C ALA A 111 -19.42 12.12 -6.48
N ALA A 112 -19.55 11.57 -7.67
CA ALA A 112 -20.85 11.16 -8.16
C ALA A 112 -21.38 10.00 -7.31
N ARG A 113 -22.73 9.94 -7.20
CA ARG A 113 -23.38 8.80 -6.52
C ARG A 113 -23.26 7.52 -7.37
N GLU A 114 -22.85 6.40 -6.77
CA GLU A 114 -22.82 5.10 -7.46
C GLU A 114 -23.50 4.05 -6.64
N VAL A 115 -23.83 2.95 -7.29
CA VAL A 115 -24.59 1.87 -6.63
C VAL A 115 -23.78 0.57 -6.74
N ILE A 116 -23.69 -0.17 -5.67
CA ILE A 116 -23.09 -1.50 -5.70
C ILE A 116 -24.17 -2.56 -5.61
N THR A 117 -24.02 -3.58 -6.44
CA THR A 117 -25.05 -4.61 -6.65
C THR A 117 -24.57 -5.95 -6.18
N PRO A 118 -25.49 -6.89 -5.93
CA PRO A 118 -25.09 -8.29 -5.65
C PRO A 118 -24.13 -8.86 -6.70
N GLU A 119 -24.40 -8.62 -7.97
CA GLU A 119 -23.55 -9.08 -9.05
C GLU A 119 -22.10 -8.64 -8.86
N ALA A 120 -21.90 -7.39 -8.46
CA ALA A 120 -20.48 -6.89 -8.28
C ALA A 120 -19.79 -7.61 -7.14
N VAL A 121 -20.52 -7.87 -6.08
CA VAL A 121 -19.92 -8.57 -4.93
C VAL A 121 -19.59 -10.05 -5.30
N ASN A 122 -20.51 -10.66 -6.02
CA ASN A 122 -20.29 -12.02 -6.50
C ASN A 122 -18.98 -12.07 -7.36
N ASN A 123 -18.80 -11.12 -8.27
CA ASN A 123 -17.67 -11.10 -9.18
C ASN A 123 -16.42 -10.81 -8.39
N LEU A 124 -16.54 -9.99 -7.35
CA LEU A 124 -15.36 -9.71 -6.49
C LEU A 124 -14.86 -11.00 -5.84
N SER A 125 -15.76 -11.85 -5.41
CA SER A 125 -15.40 -13.12 -4.81
C SER A 125 -14.58 -13.93 -5.82
N GLU A 126 -15.00 -13.95 -7.10
CA GLU A 126 -14.28 -14.73 -8.14
C GLU A 126 -12.90 -14.16 -8.44
N PHE A 127 -12.80 -12.81 -8.36
CA PHE A 127 -11.52 -12.13 -8.48
C PHE A 127 -10.54 -12.53 -7.37
N LEU A 128 -11.02 -12.53 -6.13
CA LEU A 128 -10.17 -12.91 -5.00
C LEU A 128 -9.79 -14.36 -5.11
N ASP A 129 -10.68 -15.21 -5.63
CA ASP A 129 -10.32 -16.65 -5.91
C ASP A 129 -9.14 -16.77 -6.89
N LYS A 130 -9.01 -15.85 -7.84
CA LYS A 130 -7.94 -15.90 -8.85
C LYS A 130 -6.63 -15.32 -8.35
N THR A 131 -6.67 -14.60 -7.24
CA THR A 131 -5.46 -13.92 -6.79
C THR A 131 -4.91 -14.55 -5.57
N GLY A 132 -5.71 -15.19 -4.72
CA GLY A 132 -5.12 -15.41 -3.39
C GLY A 132 -5.04 -14.28 -2.34
N TRP A 133 -5.54 -13.10 -2.67
CA TRP A 133 -5.49 -11.96 -1.76
C TRP A 133 -6.73 -11.94 -0.81
N LYS A 134 -6.63 -11.26 0.30
CA LYS A 134 -7.69 -11.04 1.27
C LYS A 134 -8.23 -9.65 1.01
N LEU A 135 -9.36 -9.34 1.63
CA LEU A 135 -10.12 -8.12 1.38
C LEU A 135 -10.35 -7.29 2.67
N ILE A 136 -10.13 -5.99 2.54
CA ILE A 136 -10.65 -4.98 3.45
C ILE A 136 -11.72 -4.23 2.65
N TYR A 137 -12.89 -4.14 3.24
CA TYR A 137 -14.07 -3.60 2.54
C TYR A 137 -14.69 -2.45 3.31
N GLY A 138 -14.77 -1.31 2.61
CA GLY A 138 -15.37 -0.08 3.15
C GLY A 138 -16.88 -0.06 3.17
N LEU A 139 -17.44 0.34 4.30
CA LEU A 139 -18.86 0.56 4.40
C LEU A 139 -19.11 2.03 4.47
N ASN A 140 -20.33 2.44 4.12
CA ASN A 140 -20.65 3.85 3.99
C ASN A 140 -21.20 4.45 5.29
N LEU A 141 -20.29 5.01 6.10
CA LEU A 141 -20.66 5.70 7.32
C LEU A 141 -20.90 7.16 7.10
N GLY A 142 -20.30 7.71 6.06
CA GLY A 142 -20.42 9.12 5.78
C GLY A 142 -21.85 9.52 5.43
N LYS A 143 -22.47 8.82 4.50
CA LYS A 143 -23.81 9.22 4.09
C LYS A 143 -24.83 8.10 4.18
N GLY A 144 -24.41 6.88 4.39
CA GLY A 144 -25.35 5.77 4.47
C GLY A 144 -26.02 5.59 5.80
N THR A 145 -26.83 4.53 5.90
CA THR A 145 -27.50 4.19 7.16
C THR A 145 -26.89 2.94 7.81
N PRO A 146 -26.99 2.82 9.15
CA PRO A 146 -26.60 1.60 9.82
C PRO A 146 -27.29 0.37 9.27
N GLU A 147 -28.59 0.43 8.99
CA GLU A 147 -29.27 -0.74 8.44
C GLU A 147 -28.75 -1.19 7.05
N ASN A 148 -28.44 -0.24 6.17
CA ASN A 148 -27.93 -0.57 4.87
C ASN A 148 -26.49 -1.08 4.97
N ALA A 149 -25.69 -0.50 5.88
CA ALA A 149 -24.39 -1.10 6.14
C ALA A 149 -24.45 -2.54 6.65
N ALA A 150 -25.39 -2.86 7.54
CA ALA A 150 -25.57 -4.20 8.01
C ALA A 150 -25.95 -5.12 6.89
N ASP A 151 -26.79 -4.65 5.97
CA ASP A 151 -27.22 -5.47 4.84
C ASP A 151 -26.11 -5.77 3.84
N GLU A 152 -25.29 -4.76 3.59
CA GLU A 152 -24.11 -4.85 2.71
C GLU A 152 -23.08 -5.78 3.36
N ALA A 153 -22.82 -5.57 4.67
CA ALA A 153 -21.88 -6.45 5.39
C ALA A 153 -22.32 -7.88 5.38
N ALA A 154 -23.65 -8.11 5.53
CA ALA A 154 -24.14 -9.48 5.54
C ALA A 154 -23.87 -10.14 4.18
N TYR A 155 -24.19 -9.43 3.09
CA TYR A 155 -23.95 -9.94 1.75
C TYR A 155 -22.47 -10.20 1.46
N VAL A 156 -21.59 -9.30 1.89
CA VAL A 156 -20.15 -9.51 1.72
C VAL A 156 -19.67 -10.73 2.52
N MET A 157 -20.11 -10.88 3.76
CA MET A 157 -19.71 -12.00 4.56
C MET A 157 -20.25 -13.31 3.96
N GLU A 158 -21.49 -13.30 3.47
CA GLU A 158 -22.08 -14.47 2.80
C GLU A 158 -21.30 -14.93 1.52
N THR A 159 -20.81 -13.96 0.75
CA THR A 159 -20.29 -14.20 -0.58
C THR A 159 -18.79 -14.35 -0.60
N ILE A 160 -18.13 -13.49 0.15
CA ILE A 160 -16.68 -13.52 0.26
C ILE A 160 -16.24 -14.53 1.28
N GLY A 161 -16.89 -14.56 2.44
CA GLY A 161 -16.55 -15.54 3.45
C GLY A 161 -15.62 -14.99 4.48
N ALA A 162 -15.67 -15.64 5.63
CA ALA A 162 -14.95 -15.22 6.78
C ALA A 162 -13.43 -15.44 6.60
N ASP A 163 -13.02 -16.44 5.83
CA ASP A 163 -11.56 -16.67 5.60
C ASP A 163 -10.89 -15.50 4.83
N ARG A 164 -11.57 -14.94 3.83
CA ARG A 164 -10.96 -13.96 2.95
C ARG A 164 -11.25 -12.50 3.33
N LEU A 165 -12.26 -12.29 4.15
CA LEU A 165 -12.64 -10.97 4.62
C LEU A 165 -11.81 -10.65 5.86
N LEU A 166 -10.84 -9.76 5.69
CA LEU A 166 -9.99 -9.39 6.79
C LEU A 166 -10.66 -8.39 7.74
N ALA A 167 -11.27 -7.36 7.15
CA ALA A 167 -11.94 -6.35 7.94
C ALA A 167 -12.90 -5.50 7.11
N PHE A 168 -13.99 -5.11 7.78
CA PHE A 168 -14.77 -3.95 7.36
C PHE A 168 -14.21 -2.65 7.94
N GLN A 169 -14.33 -1.55 7.15
CA GLN A 169 -13.98 -0.19 7.60
C GLN A 169 -15.23 0.64 7.61
N LEU A 170 -15.42 1.38 8.69
CA LEU A 170 -16.60 2.29 8.87
C LEU A 170 -16.14 3.68 8.74
N GLY A 171 -16.14 4.14 7.51
CA GLY A 171 -15.72 5.51 7.25
C GLY A 171 -14.27 5.56 6.80
N ASN A 172 -14.02 6.42 5.88
CA ASN A 172 -12.71 6.65 5.33
C ASN A 172 -12.37 8.08 5.72
N GLU A 173 -11.16 8.27 6.30
CA GLU A 173 -10.69 9.64 6.63
C GLU A 173 -11.78 10.50 7.35
N PRO A 174 -12.33 9.99 8.45
CA PRO A 174 -13.43 10.72 9.19
C PRO A 174 -13.00 12.06 9.73
N ASP A 175 -11.71 12.17 9.98
CA ASP A 175 -11.14 13.47 10.38
C ASP A 175 -11.14 14.51 9.29
N LEU A 176 -11.51 14.14 8.06
CA LEU A 176 -11.69 15.12 7.00
C LEU A 176 -13.13 15.30 6.55
N PHE A 177 -14.05 14.64 7.24
CA PHE A 177 -15.48 14.75 6.93
C PHE A 177 -15.86 16.24 7.11
N TYR A 178 -15.37 16.88 8.17
CA TYR A 178 -15.67 18.32 8.51
C TYR A 178 -15.40 19.07 7.22
N ARG A 179 -14.15 19.32 7.04
CA ARG A 179 -13.64 20.11 5.90
C ARG A 179 -14.28 19.72 4.53
N ASN A 180 -14.66 18.48 4.36
CA ASN A 180 -15.16 18.14 2.97
C ASN A 180 -16.62 18.07 2.58
N GLY A 181 -17.54 18.50 3.48
CA GLY A 181 -19.04 18.48 3.31
C GLY A 181 -19.85 17.32 3.97
N ILE A 182 -19.17 16.29 4.43
CA ILE A 182 -19.83 15.00 4.87
C ILE A 182 -20.42 15.16 6.31
N ARG A 183 -19.78 16.03 7.07
CA ARG A 183 -20.24 16.40 8.40
C ARG A 183 -19.98 17.87 8.56
N PRO A 184 -20.60 18.46 9.56
CA PRO A 184 -20.32 19.88 9.89
C PRO A 184 -18.94 20.05 10.48
N ALA A 185 -18.49 21.32 10.52
CA ALA A 185 -17.17 21.64 11.04
C ALA A 185 -16.99 21.23 12.48
N SER A 186 -18.08 21.07 13.22
CA SER A 186 -18.00 20.66 14.65
C SER A 186 -17.75 19.17 14.85
N TYR A 187 -17.76 18.38 13.76
CA TYR A 187 -17.53 16.94 13.91
C TYR A 187 -16.16 16.64 14.55
N ASP A 188 -16.19 15.88 15.60
CA ASP A 188 -14.99 15.56 16.39
C ASP A 188 -14.98 14.05 16.71
N PHE A 189 -13.98 13.61 17.44
CA PHE A 189 -13.90 12.19 17.77
C PHE A 189 -15.15 11.71 18.51
N ALA A 190 -15.68 12.48 19.46
CA ALA A 190 -16.87 12.12 20.22
C ALA A 190 -18.04 11.83 19.27
N ALA A 191 -18.21 12.69 18.30
CA ALA A 191 -19.31 12.48 17.32
C ALA A 191 -19.08 11.19 16.48
N TYR A 192 -17.82 11.00 16.05
CA TYR A 192 -17.45 9.87 15.21
C TYR A 192 -17.60 8.59 16.00
N ALA A 193 -17.16 8.59 17.25
CA ALA A 193 -17.35 7.42 18.11
C ALA A 193 -18.80 7.00 18.24
N GLY A 194 -19.70 7.98 18.37
CA GLY A 194 -21.14 7.72 18.43
C GLY A 194 -21.61 7.10 17.11
N ASP A 195 -21.15 7.63 16.00
CA ASP A 195 -21.48 7.05 14.66
C ASP A 195 -20.95 5.63 14.53
N TRP A 196 -19.70 5.46 14.88
CA TRP A 196 -19.03 4.17 14.75
C TRP A 196 -19.75 3.10 15.55
N GLN A 197 -20.09 3.43 16.80
CA GLN A 197 -20.81 2.51 17.67
CA GLN A 197 -20.84 2.53 17.68
C GLN A 197 -22.20 2.16 17.08
N ARG A 198 -22.93 3.15 16.54
CA ARG A 198 -24.25 2.83 15.93
C ARG A 198 -24.12 1.85 14.74
N PHE A 199 -23.11 2.07 13.90
CA PHE A 199 -22.90 1.18 12.75
C PHE A 199 -22.47 -0.20 13.21
N PHE A 200 -21.47 -0.24 14.10
CA PHE A 200 -20.92 -1.48 14.60
C PHE A 200 -22.05 -2.35 15.18
N THR A 201 -22.88 -1.75 15.99
CA THR A 201 -23.98 -2.45 16.69
C THR A 201 -24.96 -3.03 15.68
N ALA A 202 -25.31 -2.22 14.69
CA ALA A 202 -26.24 -2.70 13.65
C ALA A 202 -25.67 -3.87 12.84
N ILE A 203 -24.41 -3.76 12.46
CA ILE A 203 -23.73 -4.78 11.67
C ILE A 203 -23.61 -6.07 12.46
N ARG A 204 -23.16 -5.99 13.70
CA ARG A 204 -22.95 -7.20 14.51
C ARG A 204 -24.27 -7.97 14.84
N LYS A 205 -25.41 -7.28 14.87
CA LYS A 205 -26.68 -7.98 14.97
C LYS A 205 -26.93 -8.84 13.73
N ARG A 206 -26.58 -8.35 12.54
CA ARG A 206 -26.73 -9.13 11.31
C ARG A 206 -25.62 -10.14 11.11
N VAL A 207 -24.40 -9.79 11.53
CA VAL A 207 -23.19 -10.51 11.15
C VAL A 207 -22.35 -10.62 12.45
N PRO A 208 -22.62 -11.64 13.30
CA PRO A 208 -22.01 -11.65 14.64
C PRO A 208 -20.50 -11.79 14.62
N ASN A 209 -20.01 -12.38 13.53
CA ASN A 209 -18.56 -12.55 13.30
C ASN A 209 -17.87 -11.45 12.49
N ALA A 210 -18.54 -10.33 12.29
CA ALA A 210 -17.96 -9.28 11.45
C ALA A 210 -16.67 -8.72 12.06
N PRO A 211 -15.57 -8.70 11.31
CA PRO A 211 -14.28 -8.11 11.80
C PRO A 211 -14.22 -6.64 11.35
N PHE A 212 -13.61 -5.80 12.17
CA PHE A 212 -13.49 -4.37 11.86
C PHE A 212 -12.01 -3.91 11.97
N ALA A 213 -11.69 -2.88 11.23
CA ALA A 213 -10.50 -2.10 11.48
C ALA A 213 -10.86 -0.67 11.40
N GLY A 214 -10.03 0.20 11.99
CA GLY A 214 -10.15 1.65 11.87
C GLY A 214 -9.10 2.38 12.67
N PRO A 215 -9.04 3.69 12.48
CA PRO A 215 -10.14 4.58 12.18
C PRO A 215 -9.89 5.07 10.71
N ASP A 216 -8.90 4.55 9.97
CA ASP A 216 -8.67 5.05 8.59
C ASP A 216 -8.37 6.51 8.51
N THR A 217 -7.45 6.96 9.35
CA THR A 217 -6.93 8.35 9.35
C THR A 217 -5.38 8.21 9.40
N ALA A 218 -4.66 9.33 9.31
CA ALA A 218 -3.25 9.31 9.74
C ALA A 218 -3.16 9.18 11.29
N TYR A 219 -2.00 8.81 11.83
CA TYR A 219 -1.82 8.81 13.28
C TYR A 219 -1.99 10.25 13.72
N ASN A 220 -2.90 10.45 14.68
CA ASN A 220 -2.99 11.75 15.29
C ASN A 220 -3.66 11.58 16.65
N THR A 221 -3.73 12.62 17.42
CA THR A 221 -4.11 12.44 18.81
C THR A 221 -5.56 12.70 18.98
N LYS A 222 -6.10 13.57 18.17
CA LYS A 222 -7.57 13.83 18.32
C LYS A 222 -8.41 12.69 17.80
N TRP A 223 -7.86 11.76 17.00
CA TRP A 223 -8.70 10.71 16.49
C TRP A 223 -8.17 9.32 16.74
N LEU A 224 -6.95 9.05 16.35
CA LEU A 224 -6.53 7.64 16.28
C LEU A 224 -6.22 7.04 17.70
N VAL A 225 -5.64 7.84 18.55
CA VAL A 225 -5.32 7.34 19.94
C VAL A 225 -6.62 7.06 20.80
N PRO A 226 -7.55 8.05 20.88
CA PRO A 226 -8.86 7.74 21.52
C PRO A 226 -9.64 6.60 20.85
N PHE A 227 -9.47 6.41 19.54
CA PHE A 227 -10.15 5.27 18.85
C PHE A 227 -9.68 3.96 19.39
N ALA A 228 -8.37 3.83 19.44
CA ALA A 228 -7.79 2.54 19.85
C ALA A 228 -8.15 2.24 21.31
N ASP A 229 -8.06 3.27 22.16
CA ASP A 229 -8.45 3.15 23.58
C ASP A 229 -9.91 2.67 23.77
N LYS A 230 -10.87 3.28 23.04
CA LYS A 230 -12.27 2.99 23.18
C LYS A 230 -12.70 1.68 22.52
N PHE A 231 -12.14 1.39 21.34
CA PHE A 231 -12.63 0.32 20.49
C PHE A 231 -11.68 -0.85 20.39
N LYS A 232 -10.72 -0.93 21.29
CA LYS A 232 -9.77 -2.03 21.18
C LYS A 232 -10.35 -3.42 21.18
N HIS A 233 -11.44 -3.67 21.94
CA HIS A 233 -12.00 -5.03 21.97
C HIS A 233 -12.86 -5.35 20.74
N ASP A 234 -13.19 -4.30 19.98
CA ASP A 234 -14.07 -4.37 18.81
C ASP A 234 -13.40 -4.40 17.46
N VAL A 235 -12.09 -4.18 17.39
CA VAL A 235 -11.34 -4.15 16.10
C VAL A 235 -10.24 -5.22 16.12
N LYS A 236 -9.85 -5.67 14.93
CA LYS A 236 -8.79 -6.63 14.77
C LYS A 236 -7.45 -5.91 14.70
N PHE A 237 -7.41 -4.71 14.12
CA PHE A 237 -6.15 -3.98 13.91
C PHE A 237 -6.49 -2.52 13.61
N ILE A 238 -5.49 -1.68 13.79
CA ILE A 238 -5.55 -0.28 13.51
C ILE A 238 -5.17 -0.03 12.02
N SER A 239 -5.99 0.76 11.31
CA SER A 239 -5.78 1.17 9.92
C SER A 239 -5.44 2.63 9.91
N SER A 240 -4.25 2.93 9.37
CA SER A 240 -3.73 4.25 9.25
C SER A 240 -3.40 4.59 7.80
N HIS A 241 -3.37 5.87 7.45
CA HIS A 241 -3.04 6.37 6.12
C HIS A 241 -1.75 7.21 6.19
N TYR A 242 -1.02 7.25 5.11
CA TYR A 242 0.18 8.08 4.97
C TYR A 242 0.38 8.55 3.55
N TYR A 243 0.66 9.85 3.42
CA TYR A 243 1.01 10.46 2.15
C TYR A 243 2.33 11.22 2.37
N ALA A 244 3.28 11.10 1.45
CA ALA A 244 4.60 11.77 1.67
C ALA A 244 4.47 13.27 1.67
N GLU A 245 3.55 13.73 0.86
CA GLU A 245 3.22 15.17 0.76
C GLU A 245 2.58 15.61 2.05
N GLY A 246 3.11 16.70 2.59
CA GLY A 246 2.54 17.26 3.76
C GLY A 246 1.35 18.19 3.55
N PRO A 247 1.10 19.07 4.53
CA PRO A 247 -0.01 19.97 4.40
C PRO A 247 -0.04 20.76 3.10
N PRO A 248 -1.25 21.23 2.69
CA PRO A 248 -1.34 21.98 1.43
C PRO A 248 -0.46 23.22 1.35
N THR A 249 -0.15 23.78 2.51
CA THR A 249 0.65 24.98 2.60
C THR A 249 2.16 24.74 2.59
N ASP A 250 2.59 23.48 2.44
CA ASP A 250 4.00 23.18 2.23
C ASP A 250 4.42 23.59 0.83
N PRO A 251 5.75 23.78 0.64
CA PRO A 251 6.27 23.95 -0.73
C PRO A 251 5.85 22.76 -1.61
N SER A 252 5.59 23.01 -2.91
CA SER A 252 5.13 21.98 -3.86
C SER A 252 6.05 20.75 -3.77
N MET A 253 5.46 19.56 -3.70
CA MET A 253 6.30 18.33 -3.69
C MET A 253 7.16 18.23 -4.94
N THR A 254 8.38 17.78 -4.74
CA THR A 254 9.33 17.59 -5.80
C THR A 254 9.92 16.19 -5.62
N ILE A 255 10.61 15.72 -6.65
CA ILE A 255 11.33 14.44 -6.57
C ILE A 255 12.40 14.56 -5.51
N GLU A 256 13.08 15.69 -5.50
CA GLU A 256 14.11 15.88 -4.45
C GLU A 256 13.57 15.66 -3.02
N ARG A 257 12.42 16.27 -2.72
CA ARG A 257 11.78 16.20 -1.40
C ARG A 257 11.35 14.76 -1.13
N LEU A 258 10.82 14.12 -2.16
CA LEU A 258 10.38 12.72 -2.04
C LEU A 258 11.45 11.72 -1.63
N MET A 259 12.70 11.97 -2.02
CA MET A 259 13.81 11.06 -1.72
C MET A 259 14.35 11.28 -0.30
N LYS A 260 14.02 12.38 0.36
CA LYS A 260 14.57 12.67 1.70
C LYS A 260 13.79 12.02 2.81
N PRO A 261 14.42 11.81 3.95
CA PRO A 261 13.66 11.29 5.10
C PRO A 261 12.51 12.23 5.47
N ASN A 262 11.42 11.66 5.93
CA ASN A 262 10.24 12.43 6.27
C ASN A 262 10.05 12.26 7.78
N PRO A 263 10.39 13.30 8.57
CA PRO A 263 10.15 13.20 10.01
C PRO A 263 8.73 12.92 10.45
N ARG A 264 7.75 13.41 9.71
CA ARG A 264 6.38 13.11 10.05
C ARG A 264 6.08 11.62 9.95
N LEU A 265 6.62 10.94 8.92
CA LEU A 265 6.45 9.46 8.82
C LEU A 265 7.05 8.74 10.01
N LEU A 266 8.26 9.15 10.40
CA LEU A 266 8.89 8.52 11.57
C LEU A 266 8.05 8.71 12.84
N GLY A 267 7.52 9.92 13.02
CA GLY A 267 6.75 10.19 14.19
C GLY A 267 5.41 9.47 14.17
N GLU A 268 4.70 9.48 13.03
CA GLU A 268 3.42 8.77 12.92
C GLU A 268 3.61 7.24 13.18
N THR A 269 4.68 6.67 12.67
CA THR A 269 4.95 5.26 12.85
C THR A 269 5.25 4.94 14.32
N ALA A 270 6.03 5.79 14.96
CA ALA A 270 6.28 5.61 16.39
C ALA A 270 5.01 5.65 17.24
N GLY A 271 4.10 6.55 16.89
CA GLY A 271 2.80 6.62 17.53
C GLY A 271 2.02 5.32 17.37
N LEU A 272 2.04 4.77 16.16
CA LEU A 272 1.31 3.47 15.93
C LEU A 272 1.94 2.34 16.71
N LYS A 273 3.25 2.35 16.79
CA LYS A 273 3.96 1.36 17.65
C LYS A 273 3.59 1.48 19.13
N GLN A 274 3.45 2.72 19.62
CA GLN A 274 2.95 3.00 20.99
C GLN A 274 1.50 2.49 21.20
N VAL A 275 0.64 2.71 20.22
CA VAL A 275 -0.67 2.17 20.32
C VAL A 275 -0.67 0.64 20.42
N GLU A 276 0.21 0.00 19.64
CA GLU A 276 0.27 -1.46 19.68
C GLU A 276 0.73 -1.94 21.03
N ALA A 277 1.71 -1.23 21.58
CA ALA A 277 2.18 -1.54 22.94
C ALA A 277 1.06 -1.37 24.00
N ASP A 278 0.33 -0.27 23.91
CA ASP A 278 -0.72 0.07 24.88
C ASP A 278 -1.98 -0.84 24.76
N THR A 279 -2.39 -1.17 23.54
CA THR A 279 -3.70 -1.79 23.30
C THR A 279 -3.60 -3.22 22.81
N GLY A 280 -2.45 -3.64 22.34
CA GLY A 280 -2.28 -5.00 21.72
C GLY A 280 -2.66 -5.04 20.22
N LEU A 281 -3.09 -3.91 19.67
CA LEU A 281 -3.58 -3.90 18.31
C LEU A 281 -2.40 -3.70 17.29
N PRO A 282 -2.24 -4.63 16.35
CA PRO A 282 -1.30 -4.37 15.24
C PRO A 282 -1.83 -3.27 14.34
N PHE A 283 -0.99 -2.77 13.46
CA PHE A 283 -1.37 -1.74 12.53
C PHE A 283 -1.02 -2.10 11.08
N ARG A 284 -1.82 -1.55 10.13
CA ARG A 284 -1.61 -1.71 8.68
C ARG A 284 -1.77 -0.37 8.07
N LEU A 285 -0.91 -0.03 7.12
CA LEU A 285 -1.03 1.25 6.37
C LEU A 285 -1.97 0.99 5.17
N THR A 286 -3.25 1.29 5.38
CA THR A 286 -4.31 0.86 4.45
C THR A 286 -4.59 1.82 3.32
N GLU A 287 -3.97 3.00 3.30
CA GLU A 287 -4.01 3.85 2.13
C GLU A 287 -2.80 4.73 2.13
N THR A 288 -1.97 4.57 1.13
CA THR A 288 -0.78 5.41 1.00
C THR A 288 -0.46 5.70 -0.44
N ASN A 289 0.08 6.89 -0.66
CA ASN A 289 0.86 7.10 -1.86
C ASN A 289 1.67 8.38 -1.75
N SER A 290 2.34 8.77 -2.82
CA SER A 290 3.32 9.87 -2.73
C SER A 290 2.74 11.27 -2.47
N CYS A 291 1.73 11.60 -3.25
CA CYS A 291 1.11 12.93 -3.24
C CYS A 291 -0.38 12.70 -3.22
N TYR A 292 -1.14 13.51 -2.52
CA TYR A 292 -2.58 13.28 -2.38
C TYR A 292 -3.29 14.03 -3.51
N GLN A 293 -4.62 14.14 -3.43
CA GLN A 293 -5.48 14.60 -4.53
C GLN A 293 -5.23 13.91 -5.83
N GLY A 294 -4.93 12.61 -5.76
CA GLY A 294 -4.76 11.74 -6.92
C GLY A 294 -3.32 11.74 -7.49
N GLY A 295 -2.39 12.45 -6.86
CA GLY A 295 -1.03 12.48 -7.32
C GLY A 295 -0.68 13.72 -8.12
N LYS A 296 0.64 13.87 -8.27
CA LYS A 296 1.24 15.04 -8.88
C LYS A 296 2.04 14.61 -10.12
N GLN A 297 1.61 15.06 -11.26
CA GLN A 297 2.31 14.85 -12.54
C GLN A 297 3.75 15.31 -12.44
N GLY A 298 4.69 14.43 -12.79
CA GLY A 298 6.11 14.74 -12.78
C GLY A 298 6.76 14.33 -11.52
N VAL A 299 5.99 13.82 -10.57
CA VAL A 299 6.54 13.25 -9.30
C VAL A 299 5.99 11.85 -9.13
N SER A 300 4.66 11.76 -8.98
CA SER A 300 4.01 10.49 -8.62
C SER A 300 4.09 9.41 -9.68
N ASP A 301 4.13 9.83 -10.96
CA ASP A 301 4.14 8.93 -12.13
C ASP A 301 5.55 8.62 -12.67
N THR A 302 6.59 8.83 -11.82
CA THR A 302 7.98 8.75 -12.23
C THR A 302 8.72 7.62 -11.54
N PHE A 303 9.89 7.33 -12.10
CA PHE A 303 10.74 6.28 -11.52
C PHE A 303 11.09 6.63 -10.04
N ALA A 304 11.21 7.92 -9.71
CA ALA A 304 11.40 8.26 -8.28
C ALA A 304 10.37 7.64 -7.34
N ALA A 305 9.13 7.46 -7.81
CA ALA A 305 8.12 6.83 -7.05
C ALA A 305 8.38 5.33 -6.77
N ALA A 306 9.02 4.63 -7.68
CA ALA A 306 9.46 3.26 -7.50
C ALA A 306 10.47 3.18 -6.34
N LEU A 307 11.44 4.08 -6.33
CA LEU A 307 12.39 4.07 -5.23
C LEU A 307 11.73 4.44 -3.91
N TRP A 308 10.89 5.45 -3.92
CA TRP A 308 10.15 5.88 -2.74
C TRP A 308 9.28 4.73 -2.17
N ALA A 309 8.54 4.05 -3.08
CA ALA A 309 7.64 3.02 -2.62
C ALA A 309 8.32 1.81 -2.06
N GLY A 310 9.34 1.35 -2.77
CA GLY A 310 10.05 0.16 -2.34
C GLY A 310 10.71 0.42 -0.98
N ASP A 311 11.32 1.59 -0.87
CA ASP A 311 11.92 1.98 0.40
C ASP A 311 10.87 2.05 1.52
N LEU A 312 9.74 2.67 1.28
CA LEU A 312 8.66 2.76 2.26
C LEU A 312 8.18 1.41 2.73
N MET A 313 8.05 0.44 1.77
CA MET A 313 7.63 -0.92 2.15
C MET A 313 8.56 -1.47 3.22
N TYR A 314 9.85 -1.33 2.96
CA TYR A 314 10.84 -1.82 3.97
C TYR A 314 10.91 -1.05 5.26
N GLN A 315 10.84 0.27 5.17
CA GLN A 315 10.88 1.12 6.34
C GLN A 315 9.71 0.78 7.31
N GLN A 316 8.51 0.59 6.76
CA GLN A 316 7.35 0.26 7.55
C GLN A 316 7.45 -1.18 8.10
N ALA A 317 7.93 -2.13 7.30
CA ALA A 317 8.10 -3.50 7.72
C ALA A 317 9.09 -3.52 8.91
N ALA A 318 10.18 -2.75 8.80
CA ALA A 318 11.14 -2.73 9.88
C ALA A 318 10.57 -2.10 11.17
N ALA A 319 9.58 -1.24 11.04
CA ALA A 319 8.89 -0.67 12.18
C ALA A 319 7.81 -1.57 12.79
N GLY A 320 7.55 -2.70 12.18
CA GLY A 320 6.58 -3.68 12.66
C GLY A 320 5.18 -3.57 12.05
N SER A 321 5.06 -2.79 10.99
CA SER A 321 3.76 -2.72 10.23
C SER A 321 3.38 -4.12 9.75
N THR A 322 2.11 -4.45 9.78
CA THR A 322 1.63 -5.74 9.22
C THR A 322 1.43 -5.68 7.72
N GLY A 323 1.44 -4.51 7.16
CA GLY A 323 1.24 -4.40 5.69
C GLY A 323 0.97 -3.00 5.19
N ILE A 324 0.68 -2.95 3.89
CA ILE A 324 0.57 -1.69 3.19
C ILE A 324 -0.42 -1.87 2.06
N ASN A 325 -1.02 -0.79 1.72
CA ASN A 325 -1.94 -0.74 0.56
C ASN A 325 -1.79 0.62 -0.23
N PHE A 326 -1.10 0.58 -1.38
CA PHE A 326 -0.89 1.72 -2.25
C PHE A 326 -2.22 2.03 -3.01
N HIS A 327 -2.67 3.25 -2.83
CA HIS A 327 -3.88 3.69 -3.50
C HIS A 327 -3.63 3.85 -4.98
N GLY A 328 -4.72 3.68 -5.74
CA GLY A 328 -4.60 3.69 -7.14
C GLY A 328 -5.96 3.48 -7.83
N GLY A 329 -5.86 3.07 -9.08
CA GLY A 329 -7.00 2.87 -10.02
C GLY A 329 -6.96 3.77 -11.22
N GLY A 330 -7.81 3.41 -12.18
CA GLY A 330 -7.92 4.18 -13.39
C GLY A 330 -6.57 4.44 -14.03
N TYR A 331 -6.32 5.72 -14.34
CA TYR A 331 -5.03 6.17 -14.85
C TYR A 331 -4.47 7.22 -13.94
N GLY A 332 -4.76 7.10 -12.62
CA GLY A 332 -4.32 8.15 -11.66
C GLY A 332 -2.79 8.30 -11.72
N TRP A 333 -2.31 9.50 -11.45
CA TRP A 333 -0.88 9.77 -11.54
C TRP A 333 -0.09 8.80 -10.67
N TYR A 334 -0.61 8.44 -9.53
CA TYR A 334 0.20 7.55 -8.64
C TYR A 334 -0.13 6.07 -8.67
N THR A 335 -1.03 5.66 -9.54
CA THR A 335 -1.47 4.27 -9.48
C THR A 335 -0.34 3.27 -9.82
N PRO A 336 -0.22 2.17 -9.05
CA PRO A 336 0.74 1.13 -9.44
C PRO A 336 0.39 0.44 -10.77
N VAL A 337 -0.91 0.14 -10.96
CA VAL A 337 -1.38 -0.48 -12.16
C VAL A 337 -2.40 0.42 -12.76
N ALA A 338 -2.29 0.67 -14.06
CA ALA A 338 -3.21 1.57 -14.76
C ALA A 338 -3.96 0.74 -15.75
N GLY A 339 -5.16 1.20 -16.05
CA GLY A 339 -5.91 0.59 -17.18
C GLY A 339 -7.35 0.31 -16.91
N THR A 340 -7.95 -0.39 -17.88
CA THR A 340 -9.36 -0.74 -17.82
C THR A 340 -9.58 -2.11 -18.39
N PRO A 341 -10.74 -2.74 -18.10
CA PRO A 341 -11.00 -4.07 -18.71
C PRO A 341 -11.07 -4.01 -20.23
N GLU A 342 -11.52 -2.92 -20.79
CA GLU A 342 -11.65 -2.86 -22.25
C GLU A 342 -10.28 -2.59 -22.97
N ASP A 343 -9.43 -1.80 -22.33
CA ASP A 343 -8.21 -1.28 -22.95
C ASP A 343 -6.97 -2.06 -22.49
N GLY A 344 -7.11 -2.78 -21.42
CA GLY A 344 -5.99 -3.54 -20.87
C GLY A 344 -5.26 -2.74 -19.78
N PHE A 345 -4.38 -3.44 -19.13
CA PHE A 345 -3.67 -2.94 -17.94
C PHE A 345 -2.15 -2.93 -18.15
N ILE A 346 -1.51 -1.94 -17.47
CA ILE A 346 -0.06 -1.80 -17.52
C ILE A 346 0.50 -1.45 -16.15
N ALA A 347 1.72 -1.86 -15.93
CA ALA A 347 2.45 -1.47 -14.69
C ALA A 347 3.12 -0.11 -14.89
N ARG A 348 2.83 0.76 -13.97
CA ARG A 348 3.43 2.11 -13.93
C ARG A 348 4.73 2.02 -13.15
N PRO A 349 5.53 3.12 -13.15
CA PRO A 349 6.85 3.02 -12.48
C PRO A 349 6.75 2.58 -11.02
N GLU A 350 5.79 3.11 -10.23
CA GLU A 350 5.71 2.70 -8.81
C GLU A 350 5.62 1.15 -8.60
N TYR A 351 4.92 0.45 -9.51
CA TYR A 351 4.82 -0.99 -9.47
C TYR A 351 6.19 -1.66 -9.32
N TYR A 352 7.21 -1.12 -9.98
CA TYR A 352 8.54 -1.78 -9.98
C TYR A 352 9.21 -1.74 -8.64
N GLY A 353 8.93 -0.74 -7.84
CA GLY A 353 9.40 -0.78 -6.43
C GLY A 353 8.74 -1.90 -5.59
N MET A 354 7.42 -2.09 -5.80
CA MET A 354 6.66 -3.15 -5.15
C MET A 354 7.14 -4.51 -5.67
N LEU A 355 7.47 -4.59 -6.97
CA LEU A 355 8.02 -5.83 -7.56
C LEU A 355 9.34 -6.25 -6.92
N LEU A 356 10.20 -5.29 -6.63
CA LEU A 356 11.45 -5.60 -5.94
C LEU A 356 11.13 -6.27 -4.61
N PHE A 357 10.24 -5.70 -3.84
CA PHE A 357 9.81 -6.30 -2.58
C PHE A 357 9.24 -7.70 -2.80
N ALA A 358 8.40 -7.89 -3.82
CA ALA A 358 7.82 -9.21 -4.08
C ALA A 358 8.91 -10.27 -4.38
N GLN A 359 9.91 -9.88 -5.18
CA GLN A 359 10.96 -10.79 -5.58
C GLN A 359 11.83 -11.14 -4.39
N ALA A 360 11.96 -10.23 -3.46
CA ALA A 360 12.74 -10.49 -2.28
C ALA A 360 12.09 -11.49 -1.39
N GLY A 361 10.76 -11.42 -1.27
CA GLY A 361 10.04 -12.39 -0.50
C GLY A 361 9.93 -12.02 0.97
N ALA A 362 9.18 -12.82 1.69
CA ALA A 362 9.00 -12.61 3.12
C ALA A 362 10.23 -13.20 3.89
N GLY A 363 10.23 -12.97 5.17
CA GLY A 363 11.32 -13.44 6.03
C GLY A 363 11.53 -12.49 7.16
N GLN A 364 12.65 -12.65 7.79
CA GLN A 364 12.95 -11.84 8.97
C GLN A 364 14.06 -10.80 8.70
N LEU A 365 13.77 -9.55 9.07
CA LEU A 365 14.75 -8.47 8.88
C LEU A 365 15.93 -8.62 9.83
N LEU A 366 17.09 -8.18 9.33
CA LEU A 366 18.38 -8.27 10.02
C LEU A 366 19.00 -6.90 10.14
N GLY A 367 19.93 -6.69 11.07
CA GLY A 367 20.65 -5.47 11.12
C GLY A 367 21.42 -5.19 9.83
N ALA A 368 21.40 -3.93 9.40
CA ALA A 368 22.14 -3.48 8.21
C ALA A 368 22.47 -2.01 8.44
N LYS A 369 23.68 -1.77 8.88
CA LYS A 369 24.18 -0.44 9.27
C LYS A 369 25.07 0.13 8.17
N LEU A 370 24.70 1.31 7.67
CA LEU A 370 25.50 2.04 6.73
C LEU A 370 26.47 3.00 7.44
N THR A 371 27.71 3.06 6.94
CA THR A 371 28.78 3.98 7.50
C THR A 371 29.55 4.65 6.37
N ASP A 372 30.22 5.73 6.71
CA ASP A 372 31.00 6.54 5.73
C ASP A 372 30.08 7.10 4.65
N ASN A 373 28.80 7.35 5.00
CA ASN A 373 27.77 7.70 4.02
C ASN A 373 27.27 9.15 4.05
N SER A 374 27.97 10.06 4.72
CA SER A 374 27.45 11.43 4.84
C SER A 374 27.38 12.18 3.49
N ALA A 375 28.20 11.75 2.54
CA ALA A 375 28.21 12.31 1.19
C ALA A 375 27.22 11.65 0.26
N ALA A 376 26.59 10.58 0.75
CA ALA A 376 25.53 9.84 0.04
C ALA A 376 24.39 9.51 0.97
N PRO A 377 23.80 10.55 1.57
CA PRO A 377 22.97 10.35 2.77
C PRO A 377 21.61 9.72 2.52
N LEU A 378 21.17 9.71 1.27
CA LEU A 378 19.81 9.17 0.95
C LEU A 378 19.86 7.72 0.49
N LEU A 379 20.98 7.04 0.64
CA LEU A 379 21.04 5.60 0.42
C LEU A 379 20.44 4.88 1.59
N THR A 380 19.55 3.94 1.32
CA THR A 380 18.95 3.11 2.37
C THR A 380 19.23 1.67 2.01
N ALA A 381 19.28 0.81 3.02
CA ALA A 381 19.53 -0.59 2.82
C ALA A 381 18.83 -1.42 3.88
N TYR A 382 18.37 -2.61 3.47
CA TYR A 382 17.63 -3.51 4.35
C TYR A 382 18.10 -4.91 4.06
N ALA A 383 18.37 -5.66 5.08
CA ALA A 383 18.82 -7.02 4.95
C ALA A 383 17.72 -7.93 5.49
N LEU A 384 17.55 -9.10 4.90
CA LEU A 384 16.45 -10.02 5.15
C LEU A 384 16.97 -11.46 5.08
N ARG A 385 16.57 -12.31 6.04
CA ARG A 385 16.77 -13.76 5.92
C ARG A 385 15.44 -14.34 5.42
N GLY A 386 15.45 -14.78 4.18
CA GLY A 386 14.23 -15.24 3.50
C GLY A 386 13.65 -16.46 4.19
N THR A 387 12.35 -16.65 4.00
CA THR A 387 11.68 -17.86 4.43
C THR A 387 12.47 -19.10 4.01
N ASP A 388 13.11 -19.06 2.82
CA ASP A 388 13.99 -20.17 2.35
C ASP A 388 15.41 -20.21 2.91
N GLY A 389 15.75 -19.31 3.85
CA GLY A 389 17.05 -19.38 4.55
C GLY A 389 18.18 -18.50 3.98
N ARG A 390 17.96 -17.97 2.76
CA ARG A 390 18.96 -17.21 2.02
C ARG A 390 18.83 -15.73 2.30
N THR A 391 19.98 -15.06 2.43
CA THR A 391 20.04 -13.63 2.74
C THR A 391 19.81 -12.82 1.50
N ARG A 392 18.98 -11.80 1.64
CA ARG A 392 18.82 -10.81 0.59
C ARG A 392 19.10 -9.44 1.16
N ILE A 393 19.54 -8.53 0.33
CA ILE A 393 19.66 -7.13 0.72
C ILE A 393 18.96 -6.26 -0.34
N ALA A 394 18.12 -5.34 0.11
CA ALA A 394 17.47 -4.38 -0.77
C ALA A 394 18.13 -3.02 -0.52
N LEU A 395 18.65 -2.40 -1.56
CA LEU A 395 19.28 -1.08 -1.52
C LEU A 395 18.59 -0.08 -2.43
N PHE A 396 18.36 1.13 -1.92
CA PHE A 396 17.73 2.15 -2.70
C PHE A 396 18.65 3.36 -2.65
N ASN A 397 19.36 3.58 -3.76
CA ASN A 397 20.22 4.72 -3.92
C ASN A 397 19.38 5.91 -4.33
N LYS A 398 18.80 6.58 -3.34
CA LYS A 398 17.85 7.69 -3.62
C LYS A 398 18.61 9.01 -3.80
N ASN A 399 19.96 8.97 -3.74
CA ASN A 399 20.76 10.17 -4.04
C ASN A 399 20.62 10.48 -5.52
N LEU A 400 20.16 11.68 -5.84
CA LEU A 400 19.94 12.00 -7.25
C LEU A 400 21.23 12.35 -8.02
N ASP A 401 22.27 12.73 -7.28
CA ASP A 401 23.49 13.15 -7.94
C ASP A 401 24.73 12.41 -7.44
N ALA A 402 24.60 11.26 -6.77
CA ALA A 402 25.77 10.54 -6.27
C ALA A 402 25.69 9.07 -6.57
N ASP A 403 26.66 8.54 -7.33
CA ASP A 403 26.83 7.09 -7.46
C ASP A 403 27.51 6.64 -6.14
N VAL A 404 27.31 5.38 -5.79
CA VAL A 404 27.90 4.82 -4.61
C VAL A 404 28.60 3.50 -4.88
N GLU A 405 29.58 3.20 -4.03
CA GLU A 405 30.24 1.91 -4.03
C GLU A 405 30.09 1.35 -2.62
N VAL A 406 29.37 0.24 -2.45
CA VAL A 406 28.95 -0.29 -1.16
C VAL A 406 29.80 -1.51 -0.85
N ALA A 407 30.62 -1.42 0.20
CA ALA A 407 31.45 -2.49 0.68
C ALA A 407 30.64 -3.25 1.73
N ILE A 408 30.24 -4.48 1.41
CA ILE A 408 29.33 -5.22 2.25
C ILE A 408 30.06 -6.25 3.09
N SER A 409 29.93 -6.13 4.42
CA SER A 409 30.49 -7.15 5.31
C SER A 409 29.40 -7.86 6.12
N GLY A 410 29.75 -9.02 6.65
CA GLY A 410 28.89 -9.74 7.57
C GLY A 410 28.03 -10.77 6.91
N VAL A 411 28.23 -10.94 5.60
CA VAL A 411 27.53 -11.94 4.79
C VAL A 411 28.60 -12.95 4.36
N ALA A 412 28.43 -14.15 4.86
CA ALA A 412 29.43 -15.21 4.79
C ALA A 412 29.11 -16.25 3.73
N SER A 413 28.03 -16.06 2.98
CA SER A 413 27.75 -16.74 1.69
C SER A 413 28.88 -16.70 0.65
N PRO A 414 28.96 -17.72 -0.26
CA PRO A 414 30.08 -17.73 -1.22
C PRO A 414 29.92 -16.83 -2.40
N SER A 415 28.68 -16.60 -2.80
CA SER A 415 28.42 -15.73 -3.94
C SER A 415 27.05 -15.07 -3.83
N GLY A 416 26.91 -13.98 -4.58
CA GLY A 416 25.63 -13.35 -4.69
C GLY A 416 25.36 -12.83 -6.08
N THR A 417 24.09 -12.64 -6.35
CA THR A 417 23.66 -12.02 -7.62
C THR A 417 22.87 -10.76 -7.34
N VAL A 418 22.85 -9.90 -8.31
CA VAL A 418 22.11 -8.63 -8.19
C VAL A 418 21.12 -8.46 -9.34
N LEU A 419 19.92 -8.02 -8.94
CA LEU A 419 18.89 -7.50 -9.91
C LEU A 419 18.76 -5.98 -9.70
N ARG A 420 18.91 -5.23 -10.76
CA ARG A 420 18.86 -3.78 -10.71
C ARG A 420 17.47 -3.23 -11.03
N LEU A 421 17.11 -2.19 -10.29
CA LEU A 421 15.91 -1.40 -10.46
C LEU A 421 16.40 -0.08 -11.07
N GLU A 422 16.05 0.13 -12.33
CA GLU A 422 16.75 1.15 -13.15
C GLU A 422 15.77 1.94 -14.03
N ALA A 423 16.11 3.19 -14.22
CA ALA A 423 15.58 3.99 -15.32
C ALA A 423 16.65 5.04 -15.67
N PRO A 424 16.57 5.64 -16.84
CA PRO A 424 17.64 6.55 -17.25
C PRO A 424 17.67 7.90 -16.55
N ARG A 425 16.53 8.35 -16.02
CA ARG A 425 16.44 9.58 -15.26
C ARG A 425 15.39 9.38 -14.15
N ALA A 426 15.55 10.06 -13.05
CA ALA A 426 14.62 9.99 -11.93
C ALA A 426 13.18 10.43 -12.27
N ASP A 427 13.02 11.35 -13.25
CA ASP A 427 11.73 11.82 -13.59
C ASP A 427 11.14 11.06 -14.78
N ASP A 428 11.73 9.92 -15.17
CA ASP A 428 11.22 9.17 -16.32
C ASP A 428 9.84 8.57 -15.97
N THR A 429 8.93 8.63 -16.93
CA THR A 429 7.57 8.07 -16.72
C THR A 429 7.44 6.69 -17.34
N THR A 430 8.49 6.26 -18.03
CA THR A 430 8.56 4.97 -18.65
C THR A 430 10.09 4.62 -18.59
N ASP A 431 10.45 3.63 -19.31
CA ASP A 431 11.77 3.13 -19.42
C ASP A 431 12.28 2.47 -18.12
N VAL A 432 11.36 2.03 -17.26
CA VAL A 432 11.67 1.43 -15.97
C VAL A 432 11.83 -0.07 -16.21
N THR A 433 12.91 -0.64 -15.69
CA THR A 433 13.12 -2.08 -15.70
C THR A 433 13.57 -2.60 -14.34
N PHE A 434 13.31 -3.88 -14.12
CA PHE A 434 13.86 -4.57 -12.93
C PHE A 434 14.44 -5.88 -13.38
N GLY A 435 15.67 -6.16 -12.94
CA GLY A 435 16.34 -7.38 -13.44
C GLY A 435 16.53 -7.41 -14.99
N GLY A 436 16.67 -6.23 -15.60
CA GLY A 436 16.95 -6.10 -16.99
C GLY A 436 15.67 -6.27 -17.88
N ALA A 437 14.46 -6.25 -17.26
CA ALA A 437 13.22 -6.49 -18.03
C ALA A 437 12.07 -5.61 -17.56
N PRO A 438 11.27 -5.12 -18.51
CA PRO A 438 10.02 -4.56 -18.14
C PRO A 438 8.99 -5.65 -17.73
N VAL A 439 7.96 -5.23 -16.98
CA VAL A 439 6.78 -6.06 -16.74
C VAL A 439 5.95 -6.02 -18.00
N GLY A 440 5.41 -7.17 -18.37
CA GLY A 440 4.59 -7.28 -19.56
C GLY A 440 3.08 -7.35 -19.26
N ALA A 441 2.34 -7.98 -20.16
CA ALA A 441 0.96 -8.05 -20.02
C ALA A 441 0.62 -9.01 -18.86
N SER A 442 -0.44 -8.68 -18.17
CA SER A 442 -1.01 -9.46 -17.11
C SER A 442 -0.01 -9.75 -16.01
N GLY A 443 0.93 -8.82 -15.84
CA GLY A 443 1.92 -9.01 -14.76
C GLY A 443 3.09 -9.92 -15.08
N SER A 444 3.26 -10.31 -16.32
CA SER A 444 4.31 -11.25 -16.71
C SER A 444 5.68 -10.61 -16.46
N TRP A 445 6.52 -11.27 -15.69
CA TRP A 445 7.87 -10.76 -15.44
C TRP A 445 8.81 -11.92 -15.11
N SER A 446 9.99 -11.88 -15.74
CA SER A 446 11.14 -12.75 -15.45
C SER A 446 12.38 -11.94 -15.60
N PRO A 447 13.37 -12.15 -14.69
CA PRO A 447 14.64 -11.39 -14.85
C PRO A 447 15.43 -11.87 -16.09
N LEU A 448 16.03 -10.93 -16.78
CA LEU A 448 16.84 -11.24 -17.99
C LEU A 448 18.30 -10.89 -17.87
N VAL A 449 18.65 -10.07 -16.87
CA VAL A 449 20.01 -9.63 -16.64
C VAL A 449 20.20 -9.73 -15.13
N GLN A 450 21.08 -10.60 -14.76
CA GLN A 450 21.31 -10.85 -13.35
C GLN A 450 22.85 -11.16 -13.23
N GLU A 451 23.58 -10.27 -12.57
CA GLU A 451 25.05 -10.27 -12.68
C GLU A 451 25.55 -10.71 -11.28
N TYR A 452 26.77 -11.20 -11.21
CA TYR A 452 27.32 -11.70 -9.92
C TYR A 452 27.83 -10.50 -9.16
N VAL A 453 27.83 -10.52 -7.83
CA VAL A 453 28.34 -9.36 -7.08
C VAL A 453 29.79 -9.62 -6.85
N PRO A 454 30.66 -8.66 -7.29
CA PRO A 454 32.13 -8.77 -7.08
C PRO A 454 32.57 -9.13 -5.62
N GLY A 458 33.15 -12.80 2.63
CA GLY A 458 32.77 -11.80 3.62
C GLY A 458 33.19 -10.37 3.32
N GLN A 459 33.55 -10.09 2.06
CA GLN A 459 33.68 -8.73 1.58
C GLN A 459 33.06 -8.67 0.15
N PHE A 460 31.87 -8.14 0.00
CA PHE A 460 31.29 -7.98 -1.33
C PHE A 460 31.36 -6.49 -1.64
N VAL A 461 31.45 -6.14 -2.94
CA VAL A 461 31.46 -4.73 -3.35
C VAL A 461 30.44 -4.52 -4.45
N LEU A 462 29.45 -3.65 -4.22
CA LEU A 462 28.44 -3.35 -5.20
C LEU A 462 28.49 -1.87 -5.62
N HIS A 463 28.55 -1.60 -6.93
CA HIS A 463 28.39 -0.25 -7.46
C HIS A 463 26.92 -0.04 -7.74
N MET A 464 26.45 1.17 -7.46
CA MET A 464 25.09 1.60 -7.88
C MET A 464 25.15 3.00 -8.43
N ARG A 465 24.53 3.20 -9.59
CA ARG A 465 24.40 4.52 -10.15
C ARG A 465 23.48 5.35 -9.25
N LYS A 466 23.65 6.65 -9.34
CA LYS A 466 22.65 7.57 -8.82
C LYS A 466 21.24 7.18 -9.25
N ALA A 467 20.30 7.38 -8.32
CA ALA A 467 18.84 7.17 -8.57
C ALA A 467 18.60 5.78 -9.15
N SER A 468 18.91 4.79 -8.32
CA SER A 468 18.78 3.39 -8.69
C SER A 468 18.52 2.55 -7.48
N GLY A 469 18.07 1.31 -7.72
CA GLY A 469 17.83 0.34 -6.70
C GLY A 469 18.45 -1.00 -7.05
N ALA A 470 18.60 -1.85 -6.05
CA ALA A 470 19.19 -3.20 -6.27
C ALA A 470 18.67 -4.19 -5.28
N LEU A 471 18.52 -5.42 -5.72
CA LEU A 471 18.18 -6.51 -4.85
C LEU A 471 19.30 -7.56 -4.99
N LEU A 472 19.99 -7.84 -3.89
CA LEU A 472 21.05 -8.84 -3.87
C LEU A 472 20.52 -10.08 -3.25
N GLU A 473 20.89 -11.25 -3.76
CA GLU A 473 20.48 -12.50 -3.21
C GLU A 473 21.71 -13.36 -3.11
N PHE A 474 21.99 -13.87 -1.90
CA PHE A 474 23.15 -14.69 -1.65
C PHE A 474 22.84 -16.14 -1.57
N ALA A 475 23.77 -16.94 -2.05
CA ALA A 475 23.58 -18.41 -2.17
C ALA A 475 23.37 -19.09 -0.83
C1 6S6 B . -7.19 8.76 0.46
C2 6S6 B . -8.64 8.87 0.04
C3 6S6 B . -8.68 8.69 -1.47
C4 6S6 B . -7.94 9.80 -2.16
C5 6S6 B . -6.49 9.90 -1.70
C6 6S6 B . -6.44 9.92 -0.15
C8 6S6 B . -5.87 11.13 -2.36
C14 6S6 B . -5.76 11.86 1.34
C15 6S6 B . -6.08 13.25 1.75
C16 6S6 B . -4.97 13.88 2.60
C17 6S6 B . -5.25 15.38 2.92
C18 6S6 B . -4.10 15.92 3.76
C19 6S6 B . -4.42 17.17 4.62
C20 6S6 B . -3.53 17.18 5.89
C21 6S6 B . -1.99 17.07 5.63
N7 6S6 B . -6.83 11.23 0.50
O9 6S6 B . -6.26 12.29 -2.01
O10 6S6 B . -4.99 10.90 -3.25
O11 6S6 B . -7.90 9.62 -3.59
O12 6S6 B . -10.07 8.63 -1.97
O13 6S6 B . -9.43 7.88 0.64
N22 6S6 B . -1.50 15.68 5.82
N23 6S6 B . -0.81 15.01 5.11
N24 6S6 B . -0.11 14.33 4.39
C1 GOL C . -3.93 -7.61 11.04
O1 GOL C . -3.31 -8.19 12.17
C2 GOL C . -3.04 -7.77 9.86
O2 GOL C . -3.20 -9.09 9.39
C3 GOL C . -3.38 -6.78 8.76
O3 GOL C . -2.53 -7.20 7.69
C1 GOL D . -9.10 -9.83 -20.38
O1 GOL D . -7.97 -9.61 -21.22
C2 GOL D . -9.04 -8.60 -19.49
O2 GOL D . -8.48 -8.86 -18.18
C3 GOL D . -10.37 -7.87 -19.61
O3 GOL D . -10.83 -7.44 -18.32
#